data_4XP7
#
_entry.id   4XP7
#
_cell.length_a   46.252
_cell.length_b   49.562
_cell.length_c   69.612
_cell.angle_alpha   90.000
_cell.angle_beta   95.710
_cell.angle_gamma   90.000
#
_symmetry.space_group_name_H-M   'P 1 21 1'
#
loop_
_entity.id
_entity.type
_entity.pdbx_description
1 polymer 'tRNA-dihydrouridine(20) synthase [NAD(P)+]-like'
2 non-polymer 1-DEOXY-1-(7,8-DIMETHYL-2,4-DIOXO-3,4-DIHYDRO-2H-BENZO[G]PTERIDIN-1-ID-10(5H)-YL)-5-O-PHOSPHONATO-D-RIBITOL
3 water water
#
_entity_poly.entity_id   1
_entity_poly.type   'polypeptide(L)'
_entity_poly.pdbx_seq_one_letter_code
;GSHMASMILNSLSLCYHNKLILAPMVRVGTLPMRLLALDYGADIVY(CSO)EELIDLKMIQCKRVVNEVLSTVDFVAPDD
RVVFRTCEREQNRVVFQMGTSDAERALAVARLVENDVAGIDVNMGCPKQYSTKGGMGAALLSDPDKIEKILSTLVKGTRR
PVTCKIRILPSLEDTLSLVKRIERTGIAAIAVHGRKREERPQHPVSCEVIKAIADTLSIPVIANGGSHDHIQQYSDIEDF
RQATAASSVMVARAAMWNPSIFLKEGLRPLEEVMQKYIRYAVQYDNHYTNTKYCLCQMLREQLESPQGRLLHAAQSSREI
CEAFGLGAFYEETTQELDAQQARLSAKTSE
;
_entity_poly.pdbx_strand_id   A
#
# COMPACT_ATOMS: atom_id res chain seq x y z
N SER A 13 -17.04 3.38 7.82
CA SER A 13 -16.35 3.56 9.14
C SER A 13 -14.97 4.20 9.01
N LEU A 14 -14.22 3.87 7.95
CA LEU A 14 -12.95 4.53 7.68
C LEU A 14 -13.11 6.02 7.35
N CYS A 15 -12.45 6.88 8.12
CA CYS A 15 -12.45 8.32 7.88
C CYS A 15 -11.14 8.78 7.21
N TYR A 16 -11.25 9.64 6.19
CA TYR A 16 -10.10 10.10 5.41
C TYR A 16 -9.60 11.50 5.72
N HIS A 17 -10.04 12.07 6.83
CA HIS A 17 -9.68 13.41 7.21
C HIS A 17 -8.56 13.44 8.19
N ASN A 18 -7.58 14.28 7.88
CA ASN A 18 -6.48 14.52 8.78
C ASN A 18 -5.67 13.26 9.09
N LYS A 19 -5.39 12.47 8.08
CA LYS A 19 -4.69 11.19 8.30
C LYS A 19 -3.30 11.16 7.66
N LEU A 20 -2.47 10.26 8.18
CA LEU A 20 -1.19 9.86 7.57
C LEU A 20 -1.46 8.51 6.89
N ILE A 21 -1.13 8.42 5.60
CA ILE A 21 -1.51 7.32 4.77
C ILE A 21 -0.29 6.75 4.03
N LEU A 22 -0.16 5.42 4.06
CA LEU A 22 0.82 4.70 3.24
C LEU A 22 0.21 4.50 1.85
N ALA A 23 0.85 5.09 0.85
CA ALA A 23 0.45 4.99 -0.54
C ALA A 23 0.62 3.58 -1.05
N PRO A 24 -0.18 3.21 -2.06
CA PRO A 24 -0.10 1.93 -2.70
C PRO A 24 1.21 1.85 -3.48
N MET A 25 1.90 0.72 -3.33
CA MET A 25 3.18 0.49 -4.02
C MET A 25 3.36 -0.97 -4.43
N VAL A 26 3.35 -1.21 -5.73
CA VAL A 26 3.65 -2.52 -6.30
C VAL A 26 4.96 -3.04 -5.69
N ARG A 27 4.93 -4.30 -5.27
CA ARG A 27 6.00 -5.00 -4.59
C ARG A 27 6.24 -4.59 -3.14
N VAL A 28 6.34 -3.31 -2.89
CA VAL A 28 6.67 -2.78 -1.57
C VAL A 28 5.50 -2.96 -0.57
N GLY A 29 4.29 -2.68 -1.02
CA GLY A 29 3.14 -2.72 -0.14
C GLY A 29 2.46 -4.03 0.16
N THR A 30 3.25 -5.07 0.42
CA THR A 30 2.77 -6.34 0.90
C THR A 30 2.70 -6.23 2.42
N LEU A 31 2.22 -7.31 3.07
CA LEU A 31 1.81 -7.27 4.49
C LEU A 31 2.90 -6.78 5.44
N PRO A 32 4.16 -7.24 5.29
CA PRO A 32 5.19 -6.77 6.21
C PRO A 32 5.37 -5.25 6.24
N MET A 33 5.42 -4.61 5.07
CA MET A 33 5.51 -3.17 5.01
C MET A 33 4.27 -2.49 5.60
N ARG A 34 3.08 -3.03 5.35
CA ARG A 34 1.86 -2.43 5.89
C ARG A 34 1.87 -2.44 7.38
N LEU A 35 2.18 -3.59 7.98
CA LEU A 35 2.23 -3.70 9.42
C LEU A 35 3.27 -2.80 10.02
N LEU A 36 4.41 -2.68 9.38
CA LEU A 36 5.48 -1.81 9.89
C LEU A 36 5.07 -0.33 9.83
N ALA A 37 4.43 0.10 8.75
CA ALA A 37 3.88 1.44 8.69
C ALA A 37 2.86 1.76 9.79
N LEU A 38 2.01 0.79 10.12
CA LEU A 38 1.05 0.90 11.23
C LEU A 38 1.78 1.03 12.56
N ASP A 39 2.84 0.24 12.75
CA ASP A 39 3.65 0.30 13.98
C ASP A 39 4.18 1.71 14.21
N TYR A 40 4.54 2.38 13.13
CA TYR A 40 5.18 3.66 13.24
C TYR A 40 4.23 4.86 13.17
N GLY A 41 2.93 4.62 13.06
CA GLY A 41 1.94 5.69 13.20
C GLY A 41 1.09 6.00 11.98
N ALA A 42 1.24 5.26 10.87
CA ALA A 42 0.32 5.47 9.74
C ALA A 42 -1.12 5.11 10.19
N ASP A 43 -2.09 5.95 9.82
CA ASP A 43 -3.50 5.70 10.16
C ASP A 43 -4.21 4.77 9.15
N ILE A 44 -3.79 4.85 7.90
CA ILE A 44 -4.36 4.08 6.81
C ILE A 44 -3.19 3.53 5.95
N VAL A 45 -3.29 2.24 5.57
CA VAL A 45 -2.29 1.57 4.74
C VAL A 45 -2.91 0.96 3.49
N TYR A 46 -2.48 1.42 2.33
CA TYR A 46 -2.93 0.86 1.05
C TYR A 46 -2.02 -0.34 0.70
N GLU A 48 -0.38 -2.70 -2.41
CA GLU A 48 -0.01 -2.63 -3.83
C GLU A 48 -1.24 -2.79 -4.73
N GLU A 49 -1.21 -2.16 -5.89
CA GLU A 49 -2.16 -2.46 -6.96
C GLU A 49 -2.20 -3.94 -7.24
N LEU A 50 -3.39 -4.50 -7.30
CA LEU A 50 -3.58 -5.88 -7.74
C LEU A 50 -4.63 -5.86 -8.86
N ILE A 51 -4.44 -6.74 -9.84
CA ILE A 51 -5.23 -6.76 -11.05
C ILE A 51 -6.54 -7.48 -10.79
N ASP A 52 -7.65 -6.89 -11.20
CA ASP A 52 -8.95 -7.57 -11.02
C ASP A 52 -9.01 -8.97 -11.66
N LEU A 53 -8.49 -9.10 -12.88
CA LEU A 53 -8.55 -10.36 -13.59
C LEU A 53 -7.83 -11.48 -12.86
N LYS A 54 -6.80 -11.12 -12.08
CA LYS A 54 -6.07 -12.10 -11.27
C LYS A 54 -6.84 -12.46 -10.00
N MET A 55 -7.30 -11.44 -9.30
CA MET A 55 -8.05 -11.60 -8.06
C MET A 55 -9.32 -12.46 -8.19
N ILE A 56 -10.03 -12.36 -9.32
CA ILE A 56 -11.28 -13.13 -9.56
C ILE A 56 -10.98 -14.64 -9.59
N GLN A 57 -9.72 -15.00 -9.82
CA GLN A 57 -9.34 -16.43 -9.83
C GLN A 57 -9.04 -17.01 -8.46
N CYS A 58 -9.00 -16.15 -7.45
CA CYS A 58 -8.51 -16.53 -6.14
C CYS A 58 -9.61 -17.06 -5.23
N LYS A 59 -9.16 -17.91 -4.30
CA LYS A 59 -9.98 -18.45 -3.23
C LYS A 59 -9.57 -17.76 -1.90
N ARG A 60 -10.57 -17.41 -1.09
CA ARG A 60 -10.34 -16.91 0.27
C ARG A 60 -10.10 -18.09 1.21
N VAL A 61 -8.99 -18.04 1.92
CA VAL A 61 -8.61 -19.11 2.83
C VAL A 61 -8.21 -18.52 4.18
N VAL A 62 -8.86 -18.99 5.24
CA VAL A 62 -8.45 -18.61 6.59
C VAL A 62 -7.23 -19.47 6.94
N ASN A 63 -6.10 -18.81 7.09
CA ASN A 63 -4.85 -19.50 7.39
C ASN A 63 -4.63 -19.46 8.92
N GLU A 64 -5.06 -20.50 9.60
CA GLU A 64 -4.94 -20.61 11.10
C GLU A 64 -3.49 -20.73 11.57
N VAL A 65 -2.62 -21.27 10.74
CA VAL A 65 -1.19 -21.34 11.08
C VAL A 65 -0.56 -19.99 11.21
N LEU A 66 -0.75 -19.12 10.22
CA LEU A 66 -0.22 -17.76 10.21
C LEU A 66 -1.12 -16.72 10.88
N SER A 67 -2.34 -17.09 11.24
CA SER A 67 -3.35 -16.15 11.70
C SER A 67 -3.55 -15.05 10.65
N THR A 68 -3.81 -15.45 9.42
CA THR A 68 -4.05 -14.48 8.33
C THR A 68 -5.27 -14.94 7.54
N VAL A 69 -5.74 -14.06 6.66
CA VAL A 69 -6.71 -14.42 5.63
C VAL A 69 -5.98 -14.26 4.33
N ASP A 70 -5.94 -15.33 3.55
CA ASP A 70 -5.15 -15.40 2.31
C ASP A 70 -6.07 -15.46 1.10
N PHE A 71 -5.67 -14.77 0.03
CA PHE A 71 -6.37 -14.89 -1.26
C PHE A 71 -5.43 -15.56 -2.24
N VAL A 72 -5.77 -16.81 -2.59
CA VAL A 72 -4.79 -17.76 -3.12
C VAL A 72 -5.16 -18.09 -4.56
N ALA A 73 -4.20 -17.93 -5.47
CA ALA A 73 -4.40 -18.15 -6.89
C ALA A 73 -4.34 -19.62 -7.24
N PRO A 74 -4.78 -20.00 -8.44
CA PRO A 74 -4.77 -21.43 -8.82
C PRO A 74 -3.36 -22.05 -8.87
N ASP A 75 -2.32 -21.24 -9.02
CA ASP A 75 -0.93 -21.74 -8.94
C ASP A 75 -0.39 -21.82 -7.48
N ASP A 76 -1.29 -21.73 -6.50
CA ASP A 76 -1.00 -21.78 -5.06
C ASP A 76 -0.26 -20.56 -4.49
N ARG A 77 -0.08 -19.50 -5.29
CA ARG A 77 0.54 -18.29 -4.79
C ARG A 77 -0.49 -17.44 -4.07
N VAL A 78 -0.05 -16.83 -2.98
CA VAL A 78 -0.89 -15.94 -2.21
C VAL A 78 -0.77 -14.52 -2.78
N VAL A 79 -1.86 -14.04 -3.34
CA VAL A 79 -1.87 -12.79 -4.08
C VAL A 79 -2.00 -11.62 -3.11
N PHE A 80 -2.84 -11.83 -2.08
CA PHE A 80 -3.12 -10.84 -1.05
C PHE A 80 -3.26 -11.58 0.26
N ARG A 81 -2.57 -11.08 1.30
CA ARG A 81 -2.59 -11.66 2.62
C ARG A 81 -2.85 -10.53 3.65
N THR A 82 -3.77 -10.73 4.57
CA THR A 82 -4.10 -9.69 5.55
C THR A 82 -4.34 -10.36 6.89
N CYS A 83 -4.56 -9.56 7.91
CA CYS A 83 -4.74 -10.11 9.24
C CYS A 83 -5.58 -9.15 10.05
N GLU A 84 -6.03 -9.58 11.22
CA GLU A 84 -7.00 -8.84 12.00
C GLU A 84 -6.47 -7.48 12.45
N ARG A 85 -5.18 -7.43 12.79
CA ARG A 85 -4.51 -6.16 13.14
C ARG A 85 -4.68 -4.99 12.18
N GLU A 86 -4.68 -5.23 10.87
CA GLU A 86 -4.91 -4.14 9.89
C GLU A 86 -6.33 -4.04 9.31
N GLN A 87 -7.24 -4.92 9.75
CA GLN A 87 -8.59 -5.00 9.15
C GLN A 87 -9.34 -3.68 9.03
N ASN A 88 -9.22 -2.86 10.08
CA ASN A 88 -9.89 -1.59 10.20
CA ASN A 88 -9.92 -1.58 10.12
C ASN A 88 -9.16 -0.44 9.48
N ARG A 89 -7.98 -0.74 8.95
CA ARG A 89 -7.09 0.27 8.39
C ARG A 89 -6.55 0.02 6.99
N VAL A 90 -6.78 -1.15 6.42
CA VAL A 90 -6.18 -1.48 5.13
C VAL A 90 -7.12 -1.16 3.95
N VAL A 91 -6.55 -0.56 2.90
CA VAL A 91 -7.28 -0.18 1.70
C VAL A 91 -6.79 -1.04 0.55
N PHE A 92 -7.73 -1.74 -0.08
CA PHE A 92 -7.43 -2.62 -1.20
C PHE A 92 -7.48 -1.84 -2.51
N GLN A 93 -6.35 -1.74 -3.22
CA GLN A 93 -6.30 -1.09 -4.54
C GLN A 93 -6.31 -2.06 -5.70
N MET A 94 -7.26 -1.87 -6.62
CA MET A 94 -7.33 -2.68 -7.82
C MET A 94 -7.08 -1.87 -9.08
N GLY A 95 -6.54 -2.56 -10.07
CA GLY A 95 -6.48 -2.07 -11.40
C GLY A 95 -7.60 -2.78 -12.13
N THR A 96 -8.53 -2.00 -12.65
CA THR A 96 -9.69 -2.56 -13.35
C THR A 96 -10.10 -1.74 -14.58
N SER A 97 -10.77 -2.38 -15.52
CA SER A 97 -11.42 -1.64 -16.60
C SER A 97 -12.81 -2.19 -16.91
N ASP A 98 -13.43 -2.83 -15.91
CA ASP A 98 -14.74 -3.44 -16.06
C ASP A 98 -15.51 -3.34 -14.73
N ALA A 99 -16.62 -2.58 -14.75
CA ALA A 99 -17.44 -2.33 -13.55
C ALA A 99 -17.88 -3.57 -12.77
N GLU A 100 -18.45 -4.55 -13.45
CA GLU A 100 -19.01 -5.70 -12.76
C GLU A 100 -17.90 -6.63 -12.23
N ARG A 101 -16.78 -6.74 -12.94
CA ARG A 101 -15.64 -7.48 -12.41
C ARG A 101 -15.01 -6.78 -11.21
N ALA A 102 -14.86 -5.47 -11.27
CA ALA A 102 -14.43 -4.73 -10.11
C ALA A 102 -15.29 -4.99 -8.89
N LEU A 103 -16.61 -5.00 -9.09
CA LEU A 103 -17.54 -5.21 -7.98
C LEU A 103 -17.39 -6.62 -7.42
N ALA A 104 -17.25 -7.61 -8.28
CA ALA A 104 -17.01 -9.00 -7.80
C ALA A 104 -15.73 -9.09 -6.93
N VAL A 105 -14.67 -8.43 -7.36
CA VAL A 105 -13.44 -8.44 -6.61
C VAL A 105 -13.61 -7.71 -5.28
N ALA A 106 -14.25 -6.54 -5.30
CA ALA A 106 -14.55 -5.85 -4.05
C ALA A 106 -15.36 -6.73 -3.06
N ARG A 107 -16.37 -7.47 -3.54
CA ARG A 107 -17.17 -8.33 -2.64
C ARG A 107 -16.36 -9.52 -2.10
N LEU A 108 -15.44 -10.06 -2.93
CA LEU A 108 -14.48 -11.08 -2.48
C LEU A 108 -13.68 -10.67 -1.24
N VAL A 109 -13.12 -9.46 -1.26
CA VAL A 109 -12.26 -8.95 -0.17
C VAL A 109 -12.92 -8.06 0.90
N GLU A 110 -14.14 -7.58 0.66
CA GLU A 110 -14.72 -6.50 1.50
C GLU A 110 -14.83 -6.81 3.00
N ASN A 111 -15.02 -8.06 3.39
CA ASN A 111 -15.08 -8.34 4.82
C ASN A 111 -13.74 -8.32 5.58
N ASP A 112 -12.63 -8.29 4.83
CA ASP A 112 -11.29 -8.32 5.40
C ASP A 112 -10.55 -6.98 5.24
N VAL A 113 -11.20 -5.99 4.61
CA VAL A 113 -10.55 -4.68 4.39
C VAL A 113 -11.40 -3.53 4.83
N ALA A 114 -10.80 -2.36 4.98
CA ALA A 114 -11.58 -1.17 5.40
C ALA A 114 -11.99 -0.25 4.24
N GLY A 115 -11.30 -0.37 3.12
CA GLY A 115 -11.65 0.42 1.96
C GLY A 115 -11.27 -0.24 0.66
N ILE A 116 -11.93 0.20 -0.41
CA ILE A 116 -11.66 -0.23 -1.78
C ILE A 116 -11.21 1.01 -2.60
N ASP A 117 -10.09 0.90 -3.32
CA ASP A 117 -9.56 2.03 -4.12
C ASP A 117 -9.38 1.54 -5.55
N VAL A 118 -9.58 2.43 -6.50
CA VAL A 118 -9.35 2.17 -7.91
C VAL A 118 -8.22 3.08 -8.39
N ASN A 119 -7.23 2.49 -9.02
CA ASN A 119 -6.11 3.25 -9.56
C ASN A 119 -6.53 3.75 -10.93
N MET A 120 -6.69 5.07 -11.05
CA MET A 120 -7.14 5.67 -12.32
C MET A 120 -6.04 5.73 -13.35
N GLY A 121 -4.78 5.61 -12.88
CA GLY A 121 -3.63 5.42 -13.77
C GLY A 121 -3.58 4.11 -14.53
N CYS A 122 -4.36 3.13 -14.10
N CYS A 122 -4.40 3.14 -14.10
CA CYS A 122 -4.40 1.83 -14.76
CA CYS A 122 -4.52 1.81 -14.74
C CYS A 122 -5.14 1.88 -16.11
C CYS A 122 -5.18 1.89 -16.14
N PRO A 123 -4.65 1.13 -17.13
CA PRO A 123 -5.25 1.11 -18.49
C PRO A 123 -6.69 0.58 -18.67
N LYS A 124 -7.20 0.67 -19.89
CA LYS A 124 -8.46 0.00 -20.27
C LYS A 124 -8.29 -0.99 -21.43
N GLN A 125 -7.05 -1.29 -21.84
CA GLN A 125 -6.81 -2.14 -23.02
C GLN A 125 -7.20 -3.61 -22.77
N ALA A 135 -5.01 5.33 -19.90
CA ALA A 135 -5.46 5.36 -18.51
C ALA A 135 -6.96 5.48 -18.39
N LEU A 136 -7.52 4.84 -17.38
CA LEU A 136 -8.92 4.99 -17.01
C LEU A 136 -9.25 6.46 -16.78
N LEU A 137 -8.31 7.18 -16.16
CA LEU A 137 -8.42 8.61 -15.87
C LEU A 137 -8.97 9.44 -17.02
N SER A 138 -8.67 9.03 -18.25
CA SER A 138 -9.03 9.78 -19.44
C SER A 138 -10.50 9.63 -19.89
N ASP A 139 -11.25 8.74 -19.23
CA ASP A 139 -12.57 8.36 -19.72
C ASP A 139 -13.58 8.47 -18.58
N PRO A 140 -14.11 9.68 -18.34
CA PRO A 140 -15.10 9.98 -17.29
C PRO A 140 -16.37 9.11 -17.33
N ASP A 141 -16.94 8.89 -18.52
CA ASP A 141 -18.07 7.96 -18.70
C ASP A 141 -17.81 6.63 -17.96
N LYS A 142 -16.67 6.03 -18.25
CA LYS A 142 -16.32 4.70 -17.75
C LYS A 142 -15.98 4.75 -16.27
N ILE A 143 -15.19 5.73 -15.88
CA ILE A 143 -14.95 6.05 -14.47
C ILE A 143 -16.24 6.18 -13.68
N GLU A 144 -17.17 6.96 -14.19
CA GLU A 144 -18.42 7.13 -13.49
C GLU A 144 -19.09 5.76 -13.33
N LYS A 145 -18.96 4.88 -14.33
CA LYS A 145 -19.66 3.59 -14.31
C LYS A 145 -19.02 2.67 -13.29
N ILE A 146 -17.72 2.47 -13.40
CA ILE A 146 -16.96 1.63 -12.47
C ILE A 146 -17.12 2.10 -11.02
N LEU A 147 -16.85 3.38 -10.76
CA LEU A 147 -17.00 3.95 -9.42
C LEU A 147 -18.44 3.98 -8.89
N SER A 148 -19.43 4.35 -9.68
CA SER A 148 -20.82 4.31 -9.14
C SER A 148 -21.28 2.86 -8.88
N THR A 149 -20.88 1.92 -9.73
CA THR A 149 -21.19 0.51 -9.51
C THR A 149 -20.58 0.04 -8.19
N LEU A 150 -19.31 0.39 -7.99
CA LEU A 150 -18.66 0.06 -6.74
C LEU A 150 -19.32 0.68 -5.53
N VAL A 151 -19.55 1.99 -5.58
CA VAL A 151 -20.10 2.70 -4.43
C VAL A 151 -21.46 2.12 -4.01
N LYS A 152 -22.27 1.79 -5.01
CA LYS A 152 -23.60 1.26 -4.75
C LYS A 152 -23.55 -0.18 -4.23
N GLY A 153 -22.51 -0.91 -4.62
CA GLY A 153 -22.44 -2.36 -4.42
C GLY A 153 -21.68 -2.87 -3.22
N THR A 154 -20.91 -1.99 -2.57
CA THR A 154 -20.15 -2.39 -1.40
C THR A 154 -20.49 -1.53 -0.19
N ARG A 155 -20.43 -2.15 0.98
CA ARG A 155 -20.57 -1.45 2.26
C ARG A 155 -19.27 -0.77 2.73
N ARG A 156 -18.18 -0.89 1.99
CA ARG A 156 -16.95 -0.13 2.34
C ARG A 156 -16.81 1.20 1.59
N PRO A 157 -16.15 2.20 2.20
CA PRO A 157 -15.90 3.41 1.41
C PRO A 157 -15.05 3.14 0.20
N VAL A 158 -15.36 3.86 -0.88
CA VAL A 158 -14.66 3.72 -2.15
C VAL A 158 -13.88 5.00 -2.47
N THR A 159 -12.63 4.85 -2.90
CA THR A 159 -11.77 5.98 -3.22
C THR A 159 -11.20 5.74 -4.60
N CYS A 160 -10.59 6.76 -5.19
CA CYS A 160 -9.70 6.55 -6.30
C CYS A 160 -8.46 7.43 -6.20
N LYS A 161 -7.45 7.13 -7.02
CA LYS A 161 -6.18 7.83 -7.00
C LYS A 161 -5.88 8.26 -8.41
N ILE A 162 -5.61 9.55 -8.62
CA ILE A 162 -5.32 10.07 -9.97
C ILE A 162 -3.98 10.83 -10.08
N ARG A 163 -3.48 10.90 -11.30
CA ARG A 163 -2.47 11.88 -11.66
C ARG A 163 -3.16 13.07 -12.30
N ILE A 164 -2.59 14.26 -12.19
CA ILE A 164 -3.21 15.44 -12.78
C ILE A 164 -3.08 15.44 -14.31
N LEU A 165 -4.04 16.07 -14.99
CA LEU A 165 -4.07 16.14 -16.45
C LEU A 165 -3.19 17.33 -16.95
N PRO A 166 -2.96 17.42 -18.27
CA PRO A 166 -2.06 18.50 -18.76
C PRO A 166 -2.55 19.93 -18.52
N SER A 167 -3.88 20.15 -18.56
CA SER A 167 -4.47 21.47 -18.31
C SER A 167 -5.15 21.52 -16.95
N LEU A 168 -4.94 22.63 -16.23
CA LEU A 168 -5.58 22.86 -14.93
C LEU A 168 -7.12 22.74 -14.98
N GLU A 169 -7.74 23.25 -16.05
CA GLU A 169 -9.20 23.31 -16.20
C GLU A 169 -9.80 21.92 -16.45
N ASP A 170 -9.10 21.08 -17.22
CA ASP A 170 -9.54 19.72 -17.46
C ASP A 170 -9.50 18.91 -16.15
N THR A 171 -8.44 19.13 -15.38
CA THR A 171 -8.30 18.42 -14.11
C THR A 171 -9.48 18.72 -13.19
N LEU A 172 -9.88 19.99 -13.13
CA LEU A 172 -10.98 20.40 -12.22
C LEU A 172 -12.35 19.89 -12.66
N SER A 173 -12.59 19.83 -13.96
CA SER A 173 -13.84 19.27 -14.49
C SER A 173 -13.90 17.76 -14.22
N LEU A 174 -12.84 17.03 -14.53
CA LEU A 174 -12.81 15.58 -14.27
C LEU A 174 -13.07 15.22 -12.79
N VAL A 175 -12.35 15.85 -11.87
CA VAL A 175 -12.56 15.56 -10.47
C VAL A 175 -13.97 15.88 -9.98
N LYS A 176 -14.62 16.89 -10.58
CA LYS A 176 -16.03 17.18 -10.31
C LYS A 176 -16.94 16.02 -10.78
N ARG A 177 -16.64 15.48 -11.97
CA ARG A 177 -17.32 14.28 -12.51
C ARG A 177 -17.13 13.08 -11.55
N ILE A 178 -15.87 12.78 -11.26
CA ILE A 178 -15.50 11.68 -10.36
C ILE A 178 -16.24 11.80 -9.04
N GLU A 179 -16.27 13.01 -8.48
CA GLU A 179 -16.84 13.24 -7.16
C GLU A 179 -18.33 12.86 -7.10
N ARG A 180 -19.03 13.10 -8.21
CA ARG A 180 -20.48 12.83 -8.28
C ARG A 180 -20.81 11.34 -8.31
N THR A 181 -19.80 10.48 -8.35
CA THR A 181 -20.03 9.04 -8.27
C THR A 181 -20.28 8.58 -6.85
N GLY A 182 -20.11 9.45 -5.86
CA GLY A 182 -20.27 9.08 -4.46
C GLY A 182 -19.05 8.41 -3.82
N ILE A 183 -17.86 8.55 -4.43
CA ILE A 183 -16.65 8.06 -3.76
C ILE A 183 -16.41 8.84 -2.50
N ALA A 184 -15.64 8.28 -1.56
CA ALA A 184 -15.46 8.92 -0.25
C ALA A 184 -14.26 9.88 -0.17
N ALA A 185 -13.33 9.75 -1.11
CA ALA A 185 -12.10 10.55 -1.11
C ALA A 185 -11.33 10.30 -2.38
N ILE A 186 -10.46 11.24 -2.70
CA ILE A 186 -9.63 11.16 -3.89
C ILE A 186 -8.16 11.46 -3.51
N ALA A 187 -7.25 10.63 -3.96
CA ALA A 187 -5.81 10.88 -3.74
C ALA A 187 -5.30 11.48 -5.01
N VAL A 188 -4.54 12.57 -4.90
CA VAL A 188 -4.08 13.27 -6.07
C VAL A 188 -2.56 13.32 -6.05
N HIS A 189 -1.95 12.63 -7.00
CA HIS A 189 -0.51 12.73 -7.22
C HIS A 189 -0.32 13.91 -8.15
N GLY A 190 0.31 14.96 -7.65
CA GLY A 190 0.36 16.24 -8.34
C GLY A 190 1.48 16.34 -9.34
N ARG A 191 1.61 15.29 -10.14
CA ARG A 191 2.44 15.26 -11.34
C ARG A 191 1.57 14.79 -12.52
N LYS A 192 1.79 15.44 -13.67
CA LYS A 192 1.20 15.01 -14.95
C LYS A 192 1.77 13.64 -15.36
N ARG A 193 1.03 12.91 -16.19
CA ARG A 193 1.47 11.58 -16.63
C ARG A 193 2.86 11.64 -17.30
N GLU A 194 3.07 12.64 -18.16
CA GLU A 194 4.27 12.72 -19.01
C GLU A 194 5.54 13.31 -18.32
N GLU A 195 5.63 13.24 -17.00
CA GLU A 195 6.80 13.80 -16.28
C GLU A 195 7.29 12.86 -15.17
N ARG A 196 8.61 12.73 -15.07
CA ARG A 196 9.23 11.84 -14.11
C ARG A 196 9.02 12.30 -12.66
N PRO A 197 9.44 11.46 -11.70
CA PRO A 197 9.45 11.89 -10.31
C PRO A 197 10.42 13.06 -10.02
N GLN A 198 11.42 13.29 -10.90
CA GLN A 198 12.36 14.42 -10.82
C GLN A 198 11.73 15.80 -11.04
N HIS A 199 10.65 15.86 -11.81
CA HIS A 199 9.89 17.11 -11.98
C HIS A 199 9.21 17.52 -10.67
N PRO A 200 9.22 18.84 -10.34
CA PRO A 200 8.58 19.25 -9.09
C PRO A 200 7.09 18.91 -9.04
N VAL A 201 6.61 18.59 -7.85
CA VAL A 201 5.18 18.36 -7.61
C VAL A 201 4.41 19.71 -7.59
N SER A 202 3.23 19.73 -8.20
CA SER A 202 2.36 20.93 -8.30
C SER A 202 1.42 21.04 -7.12
N CYS A 203 1.84 21.75 -6.07
CA CYS A 203 1.00 21.98 -4.92
C CYS A 203 -0.16 22.91 -5.29
N GLU A 204 0.08 23.78 -6.27
CA GLU A 204 -0.92 24.72 -6.78
C GLU A 204 -2.15 23.97 -7.24
N VAL A 205 -1.95 22.89 -7.99
CA VAL A 205 -3.07 22.18 -8.58
C VAL A 205 -3.85 21.44 -7.49
N ILE A 206 -3.12 20.79 -6.59
CA ILE A 206 -3.76 19.98 -5.56
C ILE A 206 -4.64 20.88 -4.69
N LYS A 207 -4.16 22.08 -4.40
CA LYS A 207 -4.90 23.14 -3.71
C LYS A 207 -6.17 23.54 -4.46
N ALA A 208 -6.08 23.68 -5.78
CA ALA A 208 -7.27 24.02 -6.58
C ALA A 208 -8.31 22.90 -6.55
N ILE A 209 -7.83 21.65 -6.55
CA ILE A 209 -8.72 20.50 -6.49
C ILE A 209 -9.41 20.43 -5.14
N ALA A 210 -8.64 20.55 -4.05
CA ALA A 210 -9.20 20.52 -2.71
C ALA A 210 -10.18 21.65 -2.45
N ASP A 211 -9.94 22.81 -3.08
CA ASP A 211 -10.82 23.95 -2.92
C ASP A 211 -12.15 23.67 -3.62
N THR A 212 -12.08 23.01 -4.76
CA THR A 212 -13.23 22.73 -5.60
C THR A 212 -14.11 21.61 -5.07
N LEU A 213 -13.48 20.56 -4.57
CA LEU A 213 -14.23 19.35 -4.25
C LEU A 213 -14.89 19.37 -2.88
N SER A 214 -16.04 18.70 -2.84
CA SER A 214 -16.80 18.48 -1.62
C SER A 214 -16.40 17.17 -0.88
N ILE A 215 -15.36 16.48 -1.35
CA ILE A 215 -14.89 15.26 -0.68
C ILE A 215 -13.45 15.49 -0.29
N PRO A 216 -12.93 14.72 0.70
CA PRO A 216 -11.52 14.87 1.11
C PRO A 216 -10.52 14.55 0.01
N VAL A 217 -9.45 15.33 -0.01
CA VAL A 217 -8.42 15.18 -1.01
C VAL A 217 -7.15 14.78 -0.26
N ILE A 218 -6.54 13.71 -0.74
CA ILE A 218 -5.31 13.18 -0.15
C ILE A 218 -4.16 13.64 -1.07
N ALA A 219 -3.32 14.54 -0.57
CA ALA A 219 -2.21 15.09 -1.34
C ALA A 219 -1.15 14.03 -1.45
N ASN A 220 -0.52 13.94 -2.62
CA ASN A 220 0.51 12.95 -2.86
C ASN A 220 1.54 13.50 -3.86
N GLY A 221 2.79 13.05 -3.71
CA GLY A 221 3.84 13.34 -4.65
C GLY A 221 4.96 14.17 -4.08
N GLY A 222 5.07 14.22 -2.74
CA GLY A 222 5.98 15.11 -2.04
C GLY A 222 7.26 14.49 -1.54
N SER A 223 7.45 13.18 -1.70
CA SER A 223 8.63 12.49 -1.12
C SER A 223 9.92 13.04 -1.75
N HIS A 224 11.01 12.98 -1.03
CA HIS A 224 12.27 13.57 -1.49
C HIS A 224 12.22 15.12 -1.57
N ASP A 225 11.50 15.68 -2.54
CA ASP A 225 11.58 17.15 -2.79
C ASP A 225 10.92 17.95 -1.64
N HIS A 226 9.90 17.38 -1.00
CA HIS A 226 9.25 18.02 0.13
C HIS A 226 9.38 17.22 1.41
N ILE A 227 9.38 15.89 1.35
CA ILE A 227 9.27 15.07 2.58
C ILE A 227 10.52 14.28 2.93
N GLN A 228 11.27 14.79 3.90
CA GLN A 228 12.48 14.12 4.37
C GLN A 228 12.40 13.72 5.83
N GLN A 229 11.52 14.38 6.59
N GLN A 229 11.51 14.36 6.59
CA GLN A 229 11.30 14.09 8.01
CA GLN A 229 11.30 14.01 7.99
C GLN A 229 9.82 14.26 8.34
C GLN A 229 9.80 14.13 8.28
N TYR A 230 9.40 13.73 9.48
CA TYR A 230 7.97 13.73 9.87
C TYR A 230 7.29 15.10 9.69
N SER A 231 7.92 16.16 10.19
CA SER A 231 7.29 17.51 10.18
C SER A 231 7.06 18.08 8.78
N ASP A 232 7.65 17.47 7.75
CA ASP A 232 7.47 17.89 6.37
C ASP A 232 6.08 17.49 5.88
N ILE A 233 5.54 16.43 6.46
CA ILE A 233 4.23 15.91 6.08
C ILE A 233 3.16 16.99 6.31
N GLU A 234 3.04 17.51 7.53
CA GLU A 234 2.02 18.58 7.81
C GLU A 234 2.29 19.88 7.01
N ASP A 235 3.56 20.20 6.75
CA ASP A 235 3.90 21.31 5.84
C ASP A 235 3.34 21.12 4.41
N PHE A 236 3.48 19.90 3.90
CA PHE A 236 3.03 19.56 2.55
C PHE A 236 1.50 19.63 2.49
N ARG A 237 0.86 19.18 3.57
CA ARG A 237 -0.60 19.25 3.69
C ARG A 237 -1.15 20.68 3.68
N GLN A 238 -0.44 21.58 4.33
CA GLN A 238 -0.79 23.00 4.36
C GLN A 238 -0.51 23.69 3.02
N ALA A 239 0.62 23.39 2.39
CA ALA A 239 0.90 23.91 1.06
C ALA A 239 -0.13 23.45 0.01
N THR A 240 -0.70 22.27 0.19
CA THR A 240 -1.67 21.75 -0.75
C THR A 240 -3.14 22.04 -0.34
N ALA A 241 -3.33 22.53 0.88
CA ALA A 241 -4.66 22.77 1.45
C ALA A 241 -5.54 21.51 1.44
N ALA A 242 -4.89 20.36 1.48
CA ALA A 242 -5.57 19.07 1.38
C ALA A 242 -5.94 18.59 2.78
N SER A 243 -6.83 17.62 2.84
CA SER A 243 -7.26 17.08 4.12
C SER A 243 -6.26 16.08 4.72
N SER A 244 -5.64 15.25 3.88
CA SER A 244 -4.68 14.24 4.36
C SER A 244 -3.48 14.14 3.43
N VAL A 245 -2.45 13.40 3.84
CA VAL A 245 -1.26 13.14 2.99
C VAL A 245 -0.93 11.64 2.92
N MET A 246 -0.73 11.20 1.69
CA MET A 246 -0.31 9.84 1.38
C MET A 246 1.18 9.87 0.97
N VAL A 247 1.98 8.99 1.57
CA VAL A 247 3.43 8.90 1.34
CA VAL A 247 3.41 8.92 1.26
C VAL A 247 3.86 7.54 0.77
N ALA A 248 4.61 7.56 -0.33
CA ALA A 248 5.12 6.36 -0.99
C ALA A 248 6.66 6.27 -0.82
N ARG A 249 7.46 6.96 -1.63
CA ARG A 249 8.92 6.77 -1.65
C ARG A 249 9.56 6.98 -0.29
N ALA A 250 9.17 8.03 0.43
CA ALA A 250 9.75 8.25 1.77
C ALA A 250 9.50 7.08 2.71
N ALA A 251 8.31 6.48 2.62
CA ALA A 251 7.99 5.34 3.46
C ALA A 251 8.74 4.07 2.99
N MET A 252 8.86 3.90 1.67
CA MET A 252 9.66 2.80 1.15
C MET A 252 11.11 2.88 1.65
N TRP A 253 11.70 4.08 1.72
CA TRP A 253 13.09 4.23 2.21
C TRP A 253 13.21 4.00 3.72
N ASN A 254 12.23 4.43 4.51
CA ASN A 254 12.20 4.18 5.92
C ASN A 254 10.76 4.45 6.42
N PRO A 255 10.00 3.38 6.71
CA PRO A 255 8.63 3.56 7.13
C PRO A 255 8.41 4.19 8.48
N SER A 256 9.48 4.44 9.24
CA SER A 256 9.37 5.25 10.42
C SER A 256 9.27 6.76 10.11
N ILE A 257 9.15 7.11 8.82
CA ILE A 257 8.80 8.47 8.42
C ILE A 257 7.46 8.90 9.06
N PHE A 258 6.60 7.94 9.42
CA PHE A 258 5.29 8.23 10.01
C PHE A 258 5.35 8.55 11.49
N LEU A 259 6.51 8.37 12.12
CA LEU A 259 6.65 8.46 13.55
C LEU A 259 6.95 9.90 13.97
N LYS A 260 6.00 10.54 14.67
CA LYS A 260 6.14 11.92 15.17
C LYS A 260 7.47 12.16 15.91
N GLU A 261 7.90 11.18 16.68
CA GLU A 261 9.10 11.39 17.51
C GLU A 261 10.41 11.47 16.73
N GLY A 262 10.42 11.01 15.48
CA GLY A 262 11.63 11.06 14.66
C GLY A 262 11.94 9.69 14.04
N LEU A 263 12.74 9.71 12.97
CA LEU A 263 13.14 8.49 12.26
CA LEU A 263 13.14 8.49 12.26
C LEU A 263 13.87 7.54 13.19
N ARG A 264 13.62 6.25 13.01
CA ARG A 264 14.37 5.22 13.68
C ARG A 264 15.59 4.86 12.84
N PRO A 265 16.67 4.37 13.50
CA PRO A 265 17.84 3.85 12.77
C PRO A 265 17.47 2.75 11.77
N LEU A 266 18.05 2.80 10.58
CA LEU A 266 17.68 1.85 9.54
C LEU A 266 17.83 0.38 9.97
N GLU A 267 18.86 0.08 10.77
CA GLU A 267 19.06 -1.27 11.27
C GLU A 267 17.85 -1.85 12.08
N GLU A 268 17.33 -1.06 13.01
CA GLU A 268 16.12 -1.41 13.76
C GLU A 268 14.96 -1.69 12.81
N VAL A 269 14.82 -0.84 11.82
CA VAL A 269 13.69 -0.90 10.92
C VAL A 269 13.78 -2.12 10.04
N MET A 270 14.99 -2.38 9.51
CA MET A 270 15.20 -3.54 8.67
C MET A 270 14.99 -4.88 9.35
N GLN A 271 15.53 -5.00 10.56
CA GLN A 271 15.25 -6.13 11.45
C GLN A 271 13.77 -6.31 11.74
N LYS A 272 13.05 -5.24 12.07
CA LYS A 272 11.61 -5.34 12.30
C LYS A 272 10.93 -5.81 11.00
N TYR A 273 11.36 -5.28 9.84
CA TYR A 273 10.78 -5.69 8.57
C TYR A 273 10.97 -7.19 8.35
N ILE A 274 12.20 -7.62 8.50
CA ILE A 274 12.55 -9.01 8.30
C ILE A 274 11.78 -9.95 9.22
N ARG A 275 11.57 -9.57 10.48
CA ARG A 275 10.81 -10.38 11.43
CA ARG A 275 10.83 -10.43 11.37
C ARG A 275 9.37 -10.59 10.93
N TYR A 276 8.75 -9.52 10.43
CA TYR A 276 7.38 -9.67 9.90
C TYR A 276 7.36 -10.55 8.68
N ALA A 277 8.36 -10.38 7.83
CA ALA A 277 8.44 -11.15 6.59
C ALA A 277 8.53 -12.65 6.87
N VAL A 278 9.32 -13.05 7.87
CA VAL A 278 9.38 -14.46 8.26
C VAL A 278 8.09 -14.95 8.94
N GLN A 279 7.55 -14.17 9.87
N GLN A 279 7.59 -14.13 9.88
CA GLN A 279 6.36 -14.60 10.60
CA GLN A 279 6.36 -14.40 10.62
C GLN A 279 5.13 -14.67 9.70
C GLN A 279 5.25 -14.75 9.65
N TYR A 280 5.18 -14.00 8.54
CA TYR A 280 4.06 -14.09 7.59
C TYR A 280 4.44 -14.73 6.27
N ASP A 281 5.55 -15.47 6.27
CA ASP A 281 5.96 -16.33 5.18
C ASP A 281 5.94 -15.56 3.86
N ASN A 282 6.54 -14.38 3.89
CA ASN A 282 6.67 -13.56 2.73
C ASN A 282 7.68 -14.20 1.76
N HIS A 283 7.42 -14.20 0.45
CA HIS A 283 8.41 -14.81 -0.45
CA HIS A 283 8.37 -14.73 -0.55
C HIS A 283 9.71 -14.00 -0.38
N TYR A 284 10.81 -14.73 -0.30
CA TYR A 284 12.11 -14.09 -0.05
C TYR A 284 12.54 -13.06 -1.10
N THR A 285 12.12 -13.23 -2.35
CA THR A 285 12.47 -12.28 -3.41
C THR A 285 11.79 -10.93 -3.19
N ASN A 286 10.58 -10.97 -2.65
CA ASN A 286 9.89 -9.72 -2.27
C ASN A 286 10.54 -9.07 -1.05
N THR A 287 10.87 -9.85 -0.05
CA THR A 287 11.59 -9.34 1.14
C THR A 287 12.89 -8.69 0.71
N LYS A 288 13.60 -9.32 -0.21
CA LYS A 288 14.88 -8.83 -0.67
C LYS A 288 14.76 -7.52 -1.47
N TYR A 289 13.80 -7.48 -2.37
CA TYR A 289 13.43 -6.23 -3.05
C TYR A 289 13.21 -5.07 -2.11
N CYS A 290 12.33 -5.21 -1.12
CA CYS A 290 12.05 -4.15 -0.16
C CYS A 290 13.32 -3.68 0.62
N LEU A 291 14.13 -4.63 1.06
CA LEU A 291 15.37 -4.31 1.76
C LEU A 291 16.36 -3.57 0.85
N CYS A 292 16.43 -3.96 -0.42
CA CYS A 292 17.29 -3.27 -1.33
C CYS A 292 16.87 -1.81 -1.50
N GLN A 293 15.55 -1.52 -1.49
CA GLN A 293 15.06 -0.12 -1.58
C GLN A 293 15.46 0.64 -0.31
N MET A 294 15.38 0.00 0.84
CA MET A 294 15.85 0.65 2.08
C MET A 294 17.34 0.91 2.08
N LEU A 295 18.11 -0.01 1.51
CA LEU A 295 19.57 0.11 1.46
C LEU A 295 20.08 0.82 0.23
N ARG A 296 19.26 1.65 -0.39
CA ARG A 296 19.60 2.21 -1.69
C ARG A 296 20.97 2.93 -1.80
N GLU A 297 21.38 3.63 -0.75
CA GLU A 297 22.69 4.32 -0.72
C GLU A 297 23.85 3.49 -0.15
N GLN A 298 23.54 2.25 0.22
CA GLN A 298 24.38 1.44 1.09
C GLN A 298 24.41 -0.02 0.65
N LEU A 299 24.33 -0.27 -0.65
CA LEU A 299 24.39 -1.64 -1.16
C LEU A 299 25.77 -2.21 -0.90
N GLU A 300 26.76 -1.31 -0.79
CA GLU A 300 28.16 -1.67 -0.51
C GLU A 300 28.52 -1.84 0.98
N SER A 301 27.59 -1.59 1.89
CA SER A 301 27.83 -1.84 3.29
C SER A 301 27.94 -3.34 3.56
N PRO A 302 28.46 -3.71 4.75
CA PRO A 302 28.59 -5.14 4.99
C PRO A 302 27.26 -5.90 4.79
N GLN A 303 26.17 -5.41 5.37
CA GLN A 303 24.87 -6.02 5.24
C GLN A 303 24.36 -5.96 3.80
N GLY A 304 24.64 -4.88 3.10
CA GLY A 304 24.28 -4.80 1.68
C GLY A 304 24.85 -5.92 0.82
N ARG A 305 26.10 -6.26 1.04
CA ARG A 305 26.76 -7.27 0.23
C ARG A 305 26.27 -8.66 0.59
N LEU A 306 26.05 -8.91 1.87
CA LEU A 306 25.49 -10.18 2.31
C LEU A 306 24.07 -10.36 1.74
N LEU A 307 23.25 -9.32 1.77
CA LEU A 307 21.91 -9.38 1.17
C LEU A 307 21.97 -9.72 -0.31
N HIS A 308 22.90 -9.11 -1.02
CA HIS A 308 22.98 -9.34 -2.44
C HIS A 308 23.22 -10.84 -2.76
N ALA A 309 24.10 -11.48 -1.99
CA ALA A 309 24.39 -12.90 -2.12
C ALA A 309 23.26 -13.86 -1.65
N ALA A 310 22.32 -13.36 -0.85
CA ALA A 310 21.30 -14.21 -0.24
C ALA A 310 20.27 -14.74 -1.24
N GLN A 311 20.06 -16.06 -1.22
CA GLN A 311 19.10 -16.72 -2.12
C GLN A 311 17.93 -17.45 -1.41
N SER A 312 17.67 -17.12 -0.15
CA SER A 312 16.61 -17.76 0.62
C SER A 312 16.28 -16.83 1.80
N SER A 313 15.14 -17.03 2.43
CA SER A 313 14.82 -16.23 3.60
CA SER A 313 14.76 -16.29 3.63
C SER A 313 15.78 -16.52 4.74
N ARG A 314 16.23 -17.76 4.89
CA ARG A 314 17.22 -18.06 5.90
C ARG A 314 18.48 -17.20 5.69
N GLU A 315 18.93 -17.10 4.43
CA GLU A 315 20.14 -16.39 4.14
C GLU A 315 19.91 -14.90 4.35
N ILE A 316 18.74 -14.40 4.04
CA ILE A 316 18.44 -12.99 4.36
C ILE A 316 18.59 -12.75 5.88
N CYS A 317 18.01 -13.64 6.70
CA CYS A 317 18.06 -13.48 8.15
C CYS A 317 19.49 -13.51 8.69
N GLU A 318 20.28 -14.48 8.23
CA GLU A 318 21.67 -14.56 8.62
C GLU A 318 22.48 -13.31 8.26
N ALA A 319 22.20 -12.72 7.09
CA ALA A 319 22.83 -11.45 6.66
C ALA A 319 22.59 -10.28 7.63
N PHE A 320 21.49 -10.33 8.38
CA PHE A 320 21.14 -9.31 9.36
C PHE A 320 21.23 -9.76 10.82
N GLY A 321 21.97 -10.83 11.11
CA GLY A 321 22.10 -11.26 12.49
C GLY A 321 20.86 -11.88 13.11
N LEU A 322 19.96 -12.42 12.27
CA LEU A 322 18.68 -12.97 12.69
C LEU A 322 18.52 -14.48 12.44
N GLY A 323 19.63 -15.19 12.40
CA GLY A 323 19.63 -16.63 12.21
C GLY A 323 18.92 -17.42 13.31
N ALA A 324 19.16 -17.06 14.58
CA ALA A 324 18.48 -17.73 15.67
C ALA A 324 16.97 -17.41 15.63
N PHE A 325 16.63 -16.16 15.34
CA PHE A 325 15.23 -15.77 15.12
C PHE A 325 14.57 -16.63 14.03
N TYR A 326 15.27 -16.84 12.92
CA TYR A 326 14.76 -17.58 11.76
C TYR A 326 14.47 -19.04 12.14
N GLU A 327 15.43 -19.65 12.85
CA GLU A 327 15.28 -21.06 13.21
C GLU A 327 14.15 -21.24 14.19
N GLU A 328 14.06 -20.37 15.17
CA GLU A 328 13.00 -20.46 16.15
C GLU A 328 11.61 -20.25 15.56
N THR A 329 11.48 -19.26 14.66
CA THR A 329 10.22 -18.97 14.06
C THR A 329 9.77 -20.08 13.14
N THR A 330 10.68 -20.60 12.34
CA THR A 330 10.40 -21.77 11.51
C THR A 330 9.92 -23.01 12.35
N GLN A 331 10.53 -23.24 13.50
CA GLN A 331 10.08 -24.29 14.43
C GLN A 331 8.69 -23.98 15.00
N GLU A 332 8.44 -22.73 15.36
CA GLU A 332 7.12 -22.30 15.87
C GLU A 332 6.06 -22.57 14.85
N LEU A 333 6.32 -22.20 13.60
CA LEU A 333 5.30 -22.31 12.53
C LEU A 333 5.06 -23.78 12.19
N ASP A 334 6.11 -24.60 12.27
CA ASP A 334 5.96 -26.05 12.14
C ASP A 334 5.12 -26.64 13.28
N ALA A 335 5.36 -26.17 14.52
CA ALA A 335 4.66 -26.75 15.66
C ALA A 335 3.19 -26.34 15.65
N GLN A 336 2.92 -25.13 15.16
CA GLN A 336 1.56 -24.61 15.00
C GLN A 336 0.78 -25.45 13.97
N GLN A 337 1.42 -25.74 12.84
CA GLN A 337 0.86 -26.61 11.83
C GLN A 337 0.49 -28.00 12.36
N ALA A 338 1.35 -28.60 13.17
CA ALA A 338 1.04 -29.92 13.76
C ALA A 338 -0.11 -29.82 14.76
N ARG A 339 -0.02 -28.87 15.67
CA ARG A 339 -1.09 -28.61 16.65
C ARG A 339 -2.47 -28.53 15.95
N LEU A 340 -2.54 -27.87 14.79
CA LEU A 340 -3.79 -27.56 14.12
C LEU A 340 -4.23 -28.60 13.12
N SER A 341 -3.48 -29.69 12.99
CA SER A 341 -3.82 -30.76 12.04
C SER A 341 -4.77 -31.79 12.68
N ALA A 342 -5.47 -32.54 11.83
CA ALA A 342 -6.17 -33.78 12.22
C ALA A 342 -5.56 -34.60 13.38
N LYS A 343 -4.31 -35.05 13.26
CA LYS A 343 -3.72 -35.99 14.24
C LYS A 343 -3.91 -35.59 15.69
N THR A 344 -3.74 -34.29 15.98
CA THR A 344 -3.84 -33.76 17.35
C THR A 344 -5.24 -33.96 17.97
N SER A 345 -6.28 -33.75 17.17
CA SER A 345 -7.69 -34.14 17.50
C SER A 345 -7.88 -35.41 18.36
#